data_6XK3
#
_entry.id   6XK3
#
_cell.length_a   81.220
_cell.length_b   95.800
_cell.length_c   62.520
_cell.angle_alpha   90.000
_cell.angle_beta   90.000
_cell.angle_gamma   90.000
#
_symmetry.space_group_name_H-M   'P 21 21 2'
#
loop_
_entity.id
_entity.type
_entity.pdbx_description
1 polymer 'Nitric oxide synthase oxygenase'
2 non-polymer 'PROTOPORPHYRIN IX CONTAINING FE'
3 non-polymer N-PROPANOL
4 non-polymer GLYCEROL
5 non-polymer 7-{[3-({[(pyridin-2-yl)methyl]amino}methyl)phenoxy]methyl}quinolin-2-amine
6 non-polymer 'CHLORIDE ION'
7 non-polymer DI(HYDROXYETHYL)ETHER
8 water water
#
_entity_poly.entity_id   1
_entity_poly.type   'polypeptide(L)'
_entity_poly.pdbx_seq_one_letter_code
;MEEKEILWNEAKAFIAACYQELGKAAEVKDRLADIKSEIDLTGSYVHTKEELEHGAKMAWRNSNRCIGRLFWNSLNVIDR
RDVRTKEEVRDALFHHIETATNNGKIRPTITIFPPEEKGEKQVEIWNHQLIRYAGYESDGERIGDPASCSLTAACEELGW
RGERTDFDLLPLIFRMKGDEQPVWYELPRSLVIEVPITHPDIEAFSDLELKWYGVPIISDMKLEVGGIHYNAAPFNGWYM
GTEIGARNLADEKRYDKLKKVASVIGIAADYNTDLWKDQALVELNKAVLHSYKKQGVSIVDHHTAASQFKRFEEQAEEAG
RKLTGDWTWLIPPISPAATHIFHRSYDNSIVKPNYFYQDKPYE
;
_entity_poly.pdbx_strand_id   A
#
loop_
_chem_comp.id
_chem_comp.type
_chem_comp.name
_chem_comp.formula
CL non-polymer 'CHLORIDE ION' 'Cl -1'
GOL non-polymer GLYCEROL 'C3 H8 O3'
HEM non-polymer 'PROTOPORPHYRIN IX CONTAINING FE' 'C34 H32 Fe N4 O4'
PEG non-polymer DI(HYDROXYETHYL)ETHER 'C4 H10 O3'
POL non-polymer N-PROPANOL 'C3 H8 O'
V4V non-polymer 7-{[3-({[(pyridin-2-yl)methyl]amino}methyl)phenoxy]methyl}quinolin-2-amine 'C23 H22 N4 O'
#
# COMPACT_ATOMS: atom_id res chain seq x y z
N GLU A 2 -14.30 29.66 9.06
CA GLU A 2 -15.33 28.80 9.64
C GLU A 2 -14.64 27.74 10.51
N GLU A 3 -13.68 27.03 9.90
CA GLU A 3 -13.04 25.87 10.51
C GLU A 3 -11.52 26.03 10.50
N LYS A 4 -11.04 27.28 10.38
CA LYS A 4 -9.61 27.52 10.22
C LYS A 4 -8.80 27.20 11.46
N GLU A 5 -9.40 27.14 12.65
CA GLU A 5 -8.54 27.00 13.81
C GLU A 5 -8.10 25.55 13.99
N ILE A 6 -8.92 24.61 13.49
CA ILE A 6 -8.52 23.20 13.48
C ILE A 6 -7.25 23.05 12.65
N LEU A 7 -7.19 23.76 11.52
CA LEU A 7 -6.01 23.69 10.68
C LEU A 7 -4.81 24.29 11.42
N TRP A 8 -5.01 25.43 12.08
CA TRP A 8 -3.92 26.14 12.75
C TRP A 8 -3.31 25.32 13.87
N ASN A 9 -4.14 24.59 14.62
CA ASN A 9 -3.63 23.79 15.72
C ASN A 9 -2.89 22.57 15.23
N GLU A 10 -3.44 21.89 14.22
CA GLU A 10 -2.72 20.78 13.62
C GLU A 10 -1.36 21.26 13.14
N ALA A 11 -1.32 22.45 12.51
CA ALA A 11 -0.08 23.04 11.99
C ALA A 11 0.94 23.30 13.10
N LYS A 12 0.50 23.79 14.25
CA LYS A 12 1.43 23.97 15.39
C LYS A 12 2.02 22.64 15.91
N ALA A 13 1.20 21.64 16.12
CA ALA A 13 1.70 20.37 16.62
C ALA A 13 2.70 19.77 15.63
N PHE A 14 2.34 19.83 14.34
CA PHE A 14 3.20 19.22 13.34
C PHE A 14 4.52 19.98 13.19
N ILE A 15 4.48 21.31 13.01
CA ILE A 15 5.71 22.07 12.76
C ILE A 15 6.67 21.97 13.94
N ALA A 16 6.15 22.17 15.15
CA ALA A 16 6.90 21.90 16.38
C ALA A 16 7.61 20.56 16.33
N ALA A 17 6.84 19.47 16.16
CA ALA A 17 7.44 18.14 16.20
C ALA A 17 8.39 17.95 15.03
N CYS A 18 7.99 18.40 13.83
CA CYS A 18 8.83 18.15 12.67
C CYS A 18 10.18 18.87 12.78
N TYR A 19 10.14 20.17 13.02
CA TYR A 19 11.40 20.89 13.15
C TYR A 19 12.23 20.30 14.29
N GLN A 20 11.59 19.68 15.28
CA GLN A 20 12.33 19.37 16.50
C GLN A 20 13.36 18.36 16.05
N GLU A 21 12.78 17.38 15.30
CA GLU A 21 13.44 16.16 14.85
C GLU A 21 14.41 16.49 13.77
N LEU A 22 14.18 17.56 13.01
CA LEU A 22 15.16 17.97 12.02
C LEU A 22 16.26 18.87 12.63
N GLY A 23 16.31 18.97 13.96
CA GLY A 23 17.27 19.86 14.63
C GLY A 23 17.16 21.33 14.26
N LYS A 24 15.91 21.84 14.15
CA LYS A 24 15.66 23.19 13.63
C LYS A 24 14.66 23.95 14.48
N ALA A 25 14.59 23.65 15.78
CA ALA A 25 13.55 24.26 16.60
C ALA A 25 13.64 25.77 16.63
N ALA A 26 14.82 26.34 16.32
CA ALA A 26 14.95 27.79 16.33
C ALA A 26 14.09 28.45 15.24
N GLU A 27 13.93 27.78 14.10
CA GLU A 27 13.15 28.33 13.00
C GLU A 27 11.65 28.19 13.19
N VAL A 28 11.23 27.58 14.30
CA VAL A 28 9.82 27.28 14.47
C VAL A 28 9.01 28.56 14.59
N LYS A 29 9.46 29.48 15.46
CA LYS A 29 8.61 30.63 15.79
C LYS A 29 8.31 31.47 14.56
N ASP A 30 9.32 31.69 13.71
CA ASP A 30 9.12 32.45 12.48
C ASP A 30 8.26 31.70 11.48
N ARG A 31 8.42 30.37 11.41
CA ARG A 31 7.64 29.59 10.47
C ARG A 31 6.17 29.54 10.89
N LEU A 32 5.88 29.53 12.19
CA LEU A 32 4.47 29.54 12.58
C LEU A 32 3.84 30.91 12.30
N ALA A 33 4.61 31.99 12.48
CA ALA A 33 4.11 33.30 12.12
C ALA A 33 3.68 33.34 10.67
N ASP A 34 4.61 33.02 9.76
CA ASP A 34 4.35 33.00 8.32
C ASP A 34 3.12 32.15 7.99
N ILE A 35 2.96 31.00 8.69
CA ILE A 35 1.80 30.12 8.48
C ILE A 35 0.53 30.80 8.93
N LYS A 36 0.53 31.41 10.13
CA LYS A 36 -0.63 32.13 10.61
C LYS A 36 -1.10 33.18 9.61
N SER A 37 -0.17 33.99 9.09
CA SER A 37 -0.49 34.94 8.02
C SER A 37 -1.21 34.23 6.88
N GLU A 38 -0.57 33.21 6.34
CA GLU A 38 -1.05 32.52 5.14
C GLU A 38 -2.46 31.98 5.34
N ILE A 39 -2.75 31.41 6.52
CA ILE A 39 -4.08 30.84 6.76
C ILE A 39 -5.14 31.93 6.76
N ASP A 40 -4.85 33.08 7.38
CA ASP A 40 -5.82 34.16 7.44
C ASP A 40 -6.15 34.68 6.05
N LEU A 41 -5.11 35.05 5.30
CA LEU A 41 -5.30 35.59 3.97
C LEU A 41 -5.96 34.57 3.04
N THR A 42 -5.49 33.32 3.07
CA THR A 42 -5.84 32.34 2.04
C THR A 42 -6.77 31.23 2.52
N GLY A 43 -6.74 30.87 3.79
CA GLY A 43 -7.52 29.75 4.27
C GLY A 43 -6.75 28.43 4.36
N SER A 44 -5.50 28.40 3.94
CA SER A 44 -4.72 27.18 4.04
C SER A 44 -3.26 27.58 4.09
N TYR A 45 -2.37 26.58 4.08
CA TYR A 45 -0.95 26.84 3.99
C TYR A 45 -0.31 25.78 3.13
N VAL A 46 0.94 26.03 2.71
CA VAL A 46 1.66 25.17 1.77
C VAL A 46 2.91 24.66 2.48
N HIS A 47 3.12 23.34 2.48
CA HIS A 47 4.30 22.76 3.12
C HIS A 47 5.55 23.04 2.28
N THR A 48 6.68 23.25 2.96
CA THR A 48 7.96 23.18 2.27
C THR A 48 8.26 21.75 1.79
N LYS A 49 9.21 21.62 0.85
CA LYS A 49 9.64 20.28 0.46
C LYS A 49 10.16 19.47 1.63
N GLU A 50 10.91 20.10 2.53
CA GLU A 50 11.40 19.37 3.69
C GLU A 50 10.26 18.95 4.64
N GLU A 51 9.25 19.80 4.83
CA GLU A 51 8.15 19.43 5.71
C GLU A 51 7.35 18.26 5.11
N LEU A 52 7.11 18.32 3.79
CA LEU A 52 6.32 17.26 3.15
C LEU A 52 7.04 15.92 3.15
N GLU A 53 8.32 15.91 2.85
CA GLU A 53 9.08 14.68 2.87
C GLU A 53 9.10 14.08 4.27
N HIS A 54 9.47 14.89 5.28
CA HIS A 54 9.50 14.34 6.64
C HIS A 54 8.09 13.98 7.15
N GLY A 55 7.06 14.73 6.75
CA GLY A 55 5.71 14.38 7.17
C GLY A 55 5.24 13.03 6.65
N ALA A 56 5.59 12.70 5.40
CA ALA A 56 5.16 11.41 4.82
C ALA A 56 5.92 10.24 5.47
N LYS A 57 7.21 10.49 5.80
CA LYS A 57 7.98 9.55 6.61
C LYS A 57 7.41 9.38 8.02
N MET A 58 7.05 10.47 8.69
CA MET A 58 6.37 10.34 10.00
C MET A 58 5.08 9.53 9.88
N ALA A 59 4.34 9.72 8.78
CA ALA A 59 3.09 9.03 8.65
C ALA A 59 3.30 7.52 8.53
N TRP A 60 4.35 7.10 7.82
CA TRP A 60 4.65 5.67 7.78
C TRP A 60 5.07 5.19 9.19
N ARG A 61 5.93 5.94 9.88
CA ARG A 61 6.37 5.51 11.24
C ARG A 61 5.21 5.32 12.22
N ASN A 62 4.10 6.05 12.03
CA ASN A 62 2.93 6.02 12.89
C ASN A 62 1.85 5.04 12.44
N SER A 63 2.08 4.26 11.39
CA SER A 63 1.06 3.34 10.83
C SER A 63 1.08 2.07 11.69
N ASN A 64 0.19 2.04 12.67
CA ASN A 64 0.05 0.96 13.67
C ASN A 64 0.03 -0.44 13.08
N ARG A 65 -0.56 -0.61 11.88
CA ARG A 65 -0.77 -1.95 11.34
C ARG A 65 0.41 -2.46 10.51
N CYS A 66 1.48 -1.64 10.33
CA CYS A 66 2.59 -1.93 9.41
C CYS A 66 3.79 -2.55 10.13
N ILE A 67 4.09 -3.82 9.79
CA ILE A 67 5.27 -4.51 10.33
C ILE A 67 6.56 -4.01 9.69
N GLY A 68 6.46 -3.24 8.60
CA GLY A 68 7.67 -2.97 7.86
C GLY A 68 8.29 -1.62 8.22
N ARG A 69 7.91 -1.05 9.37
CA ARG A 69 8.27 0.37 9.62
C ARG A 69 9.73 0.64 9.98
N LEU A 70 10.60 -0.37 10.10
CA LEU A 70 12.02 -0.09 10.43
C LEU A 70 12.59 0.89 9.41
N PHE A 71 12.14 0.79 8.15
CA PHE A 71 12.76 1.56 7.09
C PHE A 71 12.08 2.89 6.82
N TRP A 72 11.28 3.39 7.78
CA TRP A 72 10.47 4.60 7.57
C TRP A 72 11.30 5.79 7.08
N ASN A 73 12.56 5.88 7.48
CA ASN A 73 13.36 7.10 7.17
C ASN A 73 13.94 7.08 5.77
N SER A 74 13.90 5.95 5.08
CA SER A 74 14.46 5.92 3.75
C SER A 74 13.38 6.00 2.66
N LEU A 75 12.12 6.30 3.04
CA LEU A 75 11.03 6.51 2.05
C LEU A 75 11.49 7.54 0.98
N ASN A 76 11.36 7.17 -0.30
CA ASN A 76 11.57 8.10 -1.43
C ASN A 76 10.32 8.95 -1.68
N VAL A 77 10.38 10.27 -1.47
CA VAL A 77 9.16 11.10 -1.56
C VAL A 77 9.20 11.90 -2.84
N ILE A 78 8.21 11.72 -3.71
CA ILE A 78 8.14 12.47 -4.99
C ILE A 78 7.06 13.52 -4.92
N ASP A 79 7.45 14.80 -5.14
CA ASP A 79 6.54 15.92 -4.90
C ASP A 79 5.86 16.30 -6.21
N ARG A 80 4.61 15.85 -6.41
CA ARG A 80 3.87 16.16 -7.64
C ARG A 80 2.68 17.10 -7.38
N ARG A 81 2.86 18.09 -6.50
CA ARG A 81 1.82 19.10 -6.24
C ARG A 81 1.64 20.09 -7.41
N ASP A 82 2.53 20.02 -8.39
CA ASP A 82 2.48 20.88 -9.58
C ASP A 82 1.55 20.36 -10.68
N VAL A 83 0.96 19.15 -10.55
CA VAL A 83 0.22 18.62 -11.70
C VAL A 83 -1.13 19.32 -11.79
N ARG A 84 -1.59 19.52 -13.04
CA ARG A 84 -2.87 20.19 -13.32
C ARG A 84 -3.73 19.45 -14.32
N THR A 85 -3.18 18.55 -15.12
CA THR A 85 -3.91 17.90 -16.21
C THR A 85 -3.93 16.38 -16.05
N LYS A 86 -4.92 15.75 -16.71
CA LYS A 86 -5.02 14.28 -16.71
C LYS A 86 -3.74 13.64 -17.25
N GLU A 87 -3.17 14.20 -18.32
CA GLU A 87 -1.97 13.58 -18.85
C GLU A 87 -0.80 13.65 -17.87
N GLU A 88 -0.71 14.72 -17.05
CA GLU A 88 0.37 14.81 -16.07
C GLU A 88 0.15 13.78 -14.93
N VAL A 89 -1.08 13.64 -14.48
CA VAL A 89 -1.42 12.62 -13.46
C VAL A 89 -1.05 11.24 -13.98
N ARG A 90 -1.51 10.93 -15.21
CA ARG A 90 -1.22 9.63 -15.81
C ARG A 90 0.27 9.37 -15.89
N ASP A 91 1.03 10.36 -16.33
CA ASP A 91 2.45 10.14 -16.51
C ASP A 91 3.18 10.06 -15.15
N ALA A 92 2.72 10.80 -14.14
CA ALA A 92 3.29 10.65 -12.78
C ALA A 92 3.01 9.26 -12.19
N LEU A 93 1.84 8.69 -12.49
CA LEU A 93 1.53 7.34 -12.05
C LEU A 93 2.39 6.31 -12.79
N PHE A 94 2.58 6.50 -14.11
CA PHE A 94 3.51 5.66 -14.86
C PHE A 94 4.92 5.78 -14.29
N HIS A 95 5.37 7.00 -14.01
CA HIS A 95 6.73 7.15 -13.49
C HIS A 95 6.87 6.46 -12.12
N HIS A 96 5.88 6.61 -11.26
CA HIS A 96 5.93 5.92 -9.94
C HIS A 96 6.16 4.41 -10.12
N ILE A 97 5.40 3.78 -11.02
CA ILE A 97 5.58 2.35 -11.24
C ILE A 97 7.02 2.03 -11.62
N GLU A 98 7.57 2.78 -12.59
CA GLU A 98 8.90 2.45 -13.10
C GLU A 98 9.96 2.69 -12.04
N THR A 99 9.88 3.81 -11.31
CA THR A 99 10.94 4.13 -10.36
C THR A 99 10.83 3.31 -9.08
N ALA A 100 9.58 2.97 -8.67
CA ALA A 100 9.41 2.08 -7.53
C ALA A 100 9.86 0.66 -7.87
N THR A 101 9.56 0.17 -9.08
CA THR A 101 9.98 -1.18 -9.50
C THR A 101 11.51 -1.31 -9.56
N ASN A 102 12.18 -0.33 -10.20
CA ASN A 102 13.65 -0.32 -10.23
C ASN A 102 14.22 -1.67 -10.68
N ASN A 103 13.65 -2.23 -11.74
CA ASN A 103 14.14 -3.50 -12.30
C ASN A 103 14.07 -4.68 -11.34
N GLY A 104 13.22 -4.60 -10.31
CA GLY A 104 13.08 -5.68 -9.32
C GLY A 104 13.68 -5.33 -7.96
N LYS A 105 14.61 -4.37 -7.91
CA LYS A 105 15.18 -3.97 -6.60
C LYS A 105 14.32 -2.84 -6.02
N ILE A 106 13.15 -3.22 -5.48
CA ILE A 106 12.06 -2.26 -5.19
C ILE A 106 12.49 -1.16 -4.24
N ARG A 107 12.10 0.07 -4.55
CA ARG A 107 12.34 1.26 -3.73
C ARG A 107 11.05 1.73 -3.12
N PRO A 108 10.89 1.72 -1.79
CA PRO A 108 9.69 2.29 -1.17
C PRO A 108 9.59 3.75 -1.57
N THR A 109 8.42 4.13 -2.11
CA THR A 109 8.23 5.43 -2.79
C THR A 109 6.81 5.90 -2.53
N ILE A 110 6.62 7.21 -2.35
CA ILE A 110 5.28 7.80 -2.40
C ILE A 110 5.32 8.96 -3.41
N THR A 111 4.23 9.14 -4.19
CA THR A 111 4.04 10.29 -5.07
C THR A 111 2.89 11.12 -4.51
N ILE A 112 3.13 12.40 -4.25
CA ILE A 112 2.13 13.20 -3.55
C ILE A 112 1.50 14.18 -4.54
N PHE A 113 0.18 14.06 -4.73
CA PHE A 113 -0.54 14.98 -5.64
C PHE A 113 -1.09 16.17 -4.86
N PRO A 114 -1.70 17.16 -5.55
CA PRO A 114 -2.21 18.37 -4.83
C PRO A 114 -3.23 17.98 -3.78
N PRO A 115 -3.25 18.63 -2.61
CA PRO A 115 -4.16 18.23 -1.54
C PRO A 115 -5.58 18.75 -1.81
N GLU A 116 -6.54 18.24 -1.00
CA GLU A 116 -7.89 18.82 -0.99
C GLU A 116 -7.80 20.30 -0.61
N GLU A 117 -8.60 21.11 -1.30
CA GLU A 117 -8.42 22.56 -1.17
C GLU A 117 -9.20 23.03 0.06
N LYS A 118 -10.52 23.01 -0.02
CA LYS A 118 -11.34 23.21 1.17
C LYS A 118 -12.45 22.15 1.14
N GLY A 119 -12.03 20.89 1.32
CA GLY A 119 -12.89 19.74 1.14
C GLY A 119 -12.92 19.18 -0.26
N GLU A 120 -12.57 19.97 -1.26
CA GLU A 120 -12.70 19.59 -2.67
C GLU A 120 -11.44 18.89 -3.16
N LYS A 121 -11.61 17.69 -3.72
CA LYS A 121 -10.49 16.93 -4.24
C LYS A 121 -10.04 17.52 -5.56
N GLN A 122 -8.72 17.66 -5.73
CA GLN A 122 -8.16 18.04 -7.02
C GLN A 122 -8.04 16.84 -7.96
N VAL A 123 -7.71 15.68 -7.42
CA VAL A 123 -7.54 14.45 -8.19
C VAL A 123 -8.07 13.33 -7.29
N GLU A 124 -8.82 12.40 -7.86
CA GLU A 124 -9.49 11.33 -7.14
C GLU A 124 -9.13 10.01 -7.83
N ILE A 125 -8.26 9.17 -7.19
CA ILE A 125 -7.84 7.91 -7.78
C ILE A 125 -8.85 6.82 -7.43
N TRP A 126 -9.33 6.08 -8.44
CA TRP A 126 -10.30 5.03 -8.19
C TRP A 126 -9.66 3.65 -7.89
N ASN A 127 -8.45 3.39 -8.39
CA ASN A 127 -7.79 2.11 -8.12
C ASN A 127 -7.53 1.94 -6.63
N HIS A 128 -7.68 0.67 -6.16
CA HIS A 128 -7.20 0.33 -4.82
C HIS A 128 -5.65 0.18 -4.80
N GLN A 129 -5.07 -0.53 -5.74
CA GLN A 129 -3.64 -0.46 -6.05
C GLN A 129 -3.42 -0.08 -7.51
N LEU A 130 -2.25 0.56 -7.85
CA LEU A 130 -2.05 0.92 -9.26
C LEU A 130 -1.98 -0.33 -10.14
N ILE A 131 -1.37 -1.42 -9.67
CA ILE A 131 -1.35 -2.69 -10.38
C ILE A 131 -2.24 -3.69 -9.62
N ARG A 132 -3.31 -4.20 -10.25
CA ARG A 132 -4.21 -5.16 -9.64
C ARG A 132 -4.96 -5.92 -10.73
N TYR A 133 -5.42 -7.13 -10.42
CA TYR A 133 -6.12 -7.90 -11.44
C TYR A 133 -7.64 -7.72 -11.37
N ALA A 134 -8.32 -7.76 -12.55
CA ALA A 134 -9.77 -7.67 -12.65
C ALA A 134 -10.45 -8.93 -12.13
N GLY A 135 -11.72 -8.77 -11.71
CA GLY A 135 -12.54 -9.91 -11.30
C GLY A 135 -13.92 -9.85 -11.93
N TYR A 136 -14.45 -11.03 -12.28
CA TYR A 136 -15.75 -11.13 -12.97
C TYR A 136 -16.59 -12.22 -12.29
N GLU A 137 -17.90 -11.97 -12.26
CA GLU A 137 -18.93 -12.88 -11.70
C GLU A 137 -20.14 -12.83 -12.62
N SER A 138 -20.32 -13.87 -13.45
CA SER A 138 -21.47 -13.97 -14.34
C SER A 138 -21.81 -15.43 -14.58
N ASP A 139 -23.11 -15.74 -14.65
CA ASP A 139 -23.57 -17.11 -14.85
C ASP A 139 -22.93 -18.07 -13.85
N GLY A 140 -22.90 -17.66 -12.58
CA GLY A 140 -22.23 -18.44 -11.54
C GLY A 140 -20.80 -18.82 -11.91
N GLU A 141 -20.24 -18.13 -12.92
CA GLU A 141 -18.90 -18.41 -13.41
C GLU A 141 -17.98 -17.29 -12.90
N ARG A 142 -16.95 -17.68 -12.15
CA ARG A 142 -16.04 -16.75 -11.48
C ARG A 142 -14.69 -16.73 -12.18
N ILE A 143 -14.21 -15.55 -12.51
CA ILE A 143 -12.94 -15.39 -13.23
C ILE A 143 -12.15 -14.28 -12.57
N GLY A 144 -10.86 -14.54 -12.34
CA GLY A 144 -9.97 -13.50 -11.79
C GLY A 144 -10.10 -13.25 -10.29
N ASP A 145 -9.98 -11.99 -9.87
CA ASP A 145 -9.86 -11.67 -8.46
C ASP A 145 -11.19 -11.16 -7.92
N PRO A 146 -11.93 -11.92 -7.10
CA PRO A 146 -13.21 -11.41 -6.56
C PRO A 146 -13.15 -10.05 -5.91
N ALA A 147 -12.04 -9.72 -5.22
CA ALA A 147 -11.97 -8.41 -4.59
C ALA A 147 -12.04 -7.27 -5.60
N SER A 148 -11.82 -7.56 -6.87
CA SER A 148 -11.87 -6.49 -7.86
C SER A 148 -13.21 -6.41 -8.62
N CYS A 149 -14.25 -7.15 -8.21
CA CYS A 149 -15.49 -7.19 -9.02
C CYS A 149 -16.15 -5.83 -9.15
N SER A 150 -16.27 -5.06 -8.05
CA SER A 150 -17.00 -3.81 -8.19
C SER A 150 -16.22 -2.78 -9.04
N LEU A 151 -14.89 -2.67 -8.85
CA LEU A 151 -14.15 -1.73 -9.69
C LEU A 151 -14.12 -2.18 -11.14
N THR A 152 -14.01 -3.50 -11.38
CA THR A 152 -14.01 -4.01 -12.76
C THR A 152 -15.33 -3.66 -13.48
N ALA A 153 -16.47 -3.77 -12.78
CA ALA A 153 -17.79 -3.40 -13.35
C ALA A 153 -17.89 -1.89 -13.57
N ALA A 154 -17.33 -1.07 -12.67
CA ALA A 154 -17.29 0.36 -12.97
C ALA A 154 -16.45 0.62 -14.20
N CYS A 155 -15.28 -0.04 -14.32
CA CYS A 155 -14.43 0.23 -15.48
C CYS A 155 -15.17 -0.11 -16.77
N GLU A 156 -15.92 -1.24 -16.78
CA GLU A 156 -16.60 -1.63 -18.02
C GLU A 156 -17.82 -0.78 -18.33
N GLU A 157 -18.48 -0.11 -17.37
CA GLU A 157 -19.45 0.94 -17.76
C GLU A 157 -18.79 2.05 -18.53
N LEU A 158 -17.51 2.30 -18.28
CA LEU A 158 -16.85 3.42 -18.95
C LEU A 158 -16.18 3.06 -20.27
N GLY A 159 -16.44 1.88 -20.81
CA GLY A 159 -15.88 1.54 -22.09
C GLY A 159 -14.64 0.69 -22.07
N TRP A 160 -14.01 0.42 -20.90
CA TRP A 160 -12.96 -0.57 -20.86
C TRP A 160 -13.57 -1.97 -21.04
N ARG A 161 -12.80 -2.90 -21.63
CA ARG A 161 -13.26 -4.29 -21.72
C ARG A 161 -12.10 -5.22 -21.40
N GLY A 162 -12.26 -6.15 -20.44
CA GLY A 162 -11.15 -7.08 -20.09
C GLY A 162 -11.21 -8.33 -20.95
N GLU A 163 -10.06 -8.97 -21.15
CA GLU A 163 -9.97 -10.24 -21.90
C GLU A 163 -10.53 -11.44 -21.11
N ARG A 164 -10.84 -11.26 -19.82
CA ARG A 164 -11.39 -12.33 -18.97
C ARG A 164 -10.46 -13.54 -18.86
N THR A 165 -9.15 -13.27 -18.77
CA THR A 165 -8.23 -14.18 -18.13
C THR A 165 -8.37 -14.03 -16.61
N ASP A 166 -7.69 -14.93 -15.88
CA ASP A 166 -7.68 -14.84 -14.42
C ASP A 166 -6.74 -13.74 -13.91
N PHE A 167 -5.97 -13.12 -14.80
CA PHE A 167 -4.96 -12.11 -14.46
C PHE A 167 -4.96 -10.94 -15.42
N ASP A 168 -6.15 -10.34 -15.70
CA ASP A 168 -6.23 -9.13 -16.52
C ASP A 168 -5.76 -7.95 -15.67
N LEU A 169 -4.91 -7.09 -16.22
CA LEU A 169 -4.50 -5.88 -15.49
C LEU A 169 -5.60 -4.83 -15.63
N LEU A 170 -6.09 -4.33 -14.49
CA LEU A 170 -7.00 -3.21 -14.52
C LEU A 170 -6.31 -1.97 -15.09
N PRO A 171 -7.06 -1.05 -15.69
CA PRO A 171 -6.47 0.21 -16.15
C PRO A 171 -6.37 1.16 -14.98
N LEU A 172 -5.49 2.14 -15.11
CA LEU A 172 -5.51 3.28 -14.20
C LEU A 172 -6.81 4.03 -14.41
N ILE A 173 -7.47 4.43 -13.33
CA ILE A 173 -8.74 5.13 -13.41
C ILE A 173 -8.77 6.20 -12.35
N PHE A 174 -8.96 7.45 -12.80
CA PHE A 174 -8.99 8.57 -11.87
C PHE A 174 -9.85 9.68 -12.45
N ARG A 175 -10.31 10.58 -11.58
CA ARG A 175 -11.15 11.71 -11.96
C ARG A 175 -10.47 13.01 -11.55
N MET A 176 -10.56 14.01 -12.41
CA MET A 176 -10.09 15.38 -12.21
C MET A 176 -11.22 16.25 -11.67
N LYS A 177 -10.83 17.22 -10.85
CA LYS A 177 -11.78 18.22 -10.39
C LYS A 177 -12.42 18.87 -11.61
N GLY A 178 -13.75 18.93 -11.62
CA GLY A 178 -14.43 19.57 -12.71
C GLY A 178 -14.86 18.68 -13.84
N ASP A 179 -14.56 17.39 -13.78
CA ASP A 179 -15.13 16.41 -14.69
C ASP A 179 -16.20 15.59 -13.97
N GLU A 180 -17.31 15.26 -14.65
CA GLU A 180 -18.24 14.31 -14.05
C GLU A 180 -17.68 12.90 -14.01
N GLN A 181 -16.94 12.50 -15.04
CA GLN A 181 -16.54 11.11 -15.15
C GLN A 181 -15.03 10.95 -14.99
N PRO A 182 -14.56 9.80 -14.48
CA PRO A 182 -13.12 9.52 -14.51
C PRO A 182 -12.66 9.25 -15.94
N VAL A 183 -11.36 9.28 -16.15
CA VAL A 183 -10.73 8.72 -17.35
C VAL A 183 -10.03 7.42 -16.97
N TRP A 184 -9.81 6.56 -17.97
CA TRP A 184 -9.00 5.37 -17.73
C TRP A 184 -7.93 5.23 -18.81
N TYR A 185 -6.79 4.61 -18.45
CA TYR A 185 -5.66 4.36 -19.34
C TYR A 185 -5.17 2.95 -19.10
N GLU A 186 -4.99 2.17 -20.17
CA GLU A 186 -4.40 0.84 -20.02
C GLU A 186 -2.95 0.95 -19.54
N LEU A 187 -2.54 0.01 -18.68
CA LEU A 187 -1.11 -0.03 -18.28
C LEU A 187 -0.23 -0.59 -19.40
N PRO A 188 0.83 0.09 -19.78
CA PRO A 188 1.82 -0.55 -20.68
C PRO A 188 2.47 -1.75 -20.03
N ARG A 189 2.38 -2.92 -20.68
CA ARG A 189 2.93 -4.14 -20.06
C ARG A 189 4.42 -4.02 -19.75
N SER A 190 5.20 -3.32 -20.60
CA SER A 190 6.61 -3.10 -20.29
C SER A 190 6.86 -2.55 -18.87
N LEU A 191 5.89 -1.88 -18.26
CA LEU A 191 6.13 -1.29 -16.95
C LEU A 191 5.85 -2.28 -15.81
N VAL A 192 5.18 -3.41 -16.09
CA VAL A 192 4.65 -4.28 -15.02
C VAL A 192 5.47 -5.55 -14.94
N ILE A 193 6.25 -5.73 -13.87
CA ILE A 193 6.88 -7.02 -13.61
C ILE A 193 5.87 -7.98 -12.97
N GLU A 194 5.86 -9.23 -13.45
CA GLU A 194 5.07 -10.32 -12.88
C GLU A 194 5.98 -11.52 -12.65
N VAL A 195 5.62 -12.33 -11.65
CA VAL A 195 6.43 -13.46 -11.23
C VAL A 195 5.61 -14.75 -11.41
N PRO A 196 6.02 -15.67 -12.27
CA PRO A 196 5.39 -17.02 -12.26
C PRO A 196 5.72 -17.77 -10.98
N ILE A 197 4.75 -18.50 -10.40
CA ILE A 197 5.01 -19.20 -9.13
C ILE A 197 5.49 -20.62 -9.45
N THR A 198 6.73 -20.93 -9.07
CA THR A 198 7.22 -22.30 -9.07
C THR A 198 7.67 -22.69 -7.65
N HIS A 199 7.93 -24.00 -7.47
CA HIS A 199 8.34 -24.53 -6.16
C HIS A 199 9.78 -25.01 -6.23
N PRO A 200 10.57 -24.87 -5.14
CA PRO A 200 11.98 -25.27 -5.24
C PRO A 200 12.18 -26.77 -5.49
N ASP A 201 11.23 -27.64 -5.09
CA ASP A 201 11.39 -29.10 -5.05
C ASP A 201 10.38 -29.86 -5.90
N ILE A 202 9.19 -29.29 -6.11
CA ILE A 202 8.03 -29.98 -6.67
C ILE A 202 7.82 -29.45 -8.07
N GLU A 203 8.30 -30.20 -9.06
CA GLU A 203 8.28 -29.68 -10.42
C GLU A 203 6.87 -29.45 -10.92
N ALA A 204 5.90 -30.20 -10.39
CA ALA A 204 4.54 -30.09 -10.94
C ALA A 204 3.83 -28.82 -10.48
N PHE A 205 4.40 -28.08 -9.53
CA PHE A 205 3.73 -26.88 -9.04
C PHE A 205 3.41 -25.91 -10.18
N SER A 206 4.26 -25.83 -11.21
CA SER A 206 3.99 -24.96 -12.35
C SER A 206 2.72 -25.34 -13.11
N ASP A 207 2.19 -26.55 -12.88
CA ASP A 207 0.94 -26.92 -13.55
C ASP A 207 -0.21 -26.05 -13.08
N LEU A 208 -0.10 -25.39 -11.91
CA LEU A 208 -1.15 -24.49 -11.41
C LEU A 208 -1.21 -23.18 -12.20
N GLU A 209 -0.15 -22.83 -12.90
CA GLU A 209 -0.10 -21.62 -13.71
C GLU A 209 -0.41 -20.37 -12.87
N LEU A 210 0.10 -20.32 -11.64
CA LEU A 210 -0.08 -19.15 -10.78
C LEU A 210 0.94 -18.06 -11.14
N LYS A 211 0.56 -16.79 -10.94
CA LYS A 211 1.55 -15.71 -10.98
C LYS A 211 1.03 -14.60 -10.09
N TRP A 212 1.89 -13.65 -9.76
CA TRP A 212 1.47 -12.42 -9.07
C TRP A 212 2.31 -11.25 -9.56
N TYR A 213 1.86 -10.03 -9.26
CA TYR A 213 2.64 -8.91 -9.75
C TYR A 213 3.70 -8.53 -8.70
N GLY A 214 4.72 -7.83 -9.19
CA GLY A 214 5.87 -7.59 -8.34
C GLY A 214 5.67 -6.58 -7.22
N VAL A 215 4.92 -5.50 -7.47
CA VAL A 215 4.95 -4.33 -6.60
C VAL A 215 3.55 -3.94 -6.14
N PRO A 216 3.28 -3.95 -4.82
CA PRO A 216 1.96 -3.48 -4.34
C PRO A 216 1.98 -1.98 -4.12
N ILE A 217 1.18 -1.23 -4.85
CA ILE A 217 1.22 0.25 -4.83
C ILE A 217 -0.17 0.71 -4.39
N ILE A 218 -0.34 0.88 -3.07
CA ILE A 218 -1.66 1.22 -2.47
C ILE A 218 -2.02 2.65 -2.84
N SER A 219 -3.21 2.84 -3.47
CA SER A 219 -3.44 4.12 -4.14
C SER A 219 -4.74 4.79 -3.72
N ASP A 220 -5.38 4.31 -2.64
CA ASP A 220 -6.67 4.84 -2.23
C ASP A 220 -6.71 5.35 -0.79
N MET A 221 -5.55 5.60 -0.16
CA MET A 221 -5.54 6.06 1.22
C MET A 221 -5.23 7.55 1.20
N LYS A 222 -5.69 8.26 2.23
CA LYS A 222 -5.38 9.67 2.43
C LYS A 222 -4.18 9.87 3.38
N LEU A 223 -3.23 10.70 2.98
CA LEU A 223 -2.11 11.11 3.83
C LEU A 223 -2.48 12.44 4.45
N GLU A 224 -2.46 12.49 5.77
CA GLU A 224 -2.69 13.73 6.50
C GLU A 224 -1.42 14.15 7.23
N VAL A 225 -1.01 15.40 7.00
CA VAL A 225 0.19 16.01 7.56
C VAL A 225 -0.16 17.43 8.01
N GLY A 226 -0.04 17.72 9.31
CA GLY A 226 -0.28 19.09 9.79
C GLY A 226 -1.57 19.74 9.32
N GLY A 227 -2.66 18.99 9.28
CA GLY A 227 -3.92 19.56 8.87
C GLY A 227 -4.19 19.61 7.37
N ILE A 228 -3.20 19.30 6.54
CA ILE A 228 -3.42 19.27 5.09
C ILE A 228 -3.80 17.85 4.67
N HIS A 229 -4.80 17.70 3.80
CA HIS A 229 -5.35 16.38 3.46
C HIS A 229 -4.98 15.94 2.04
N TYR A 230 -3.96 15.08 1.92
CA TYR A 230 -3.52 14.59 0.60
C TYR A 230 -4.25 13.29 0.28
N ASN A 231 -5.46 13.44 -0.28
CA ASN A 231 -6.28 12.26 -0.56
C ASN A 231 -5.72 11.41 -1.69
N ALA A 232 -4.85 11.99 -2.56
CA ALA A 232 -4.23 11.27 -3.67
C ALA A 232 -2.71 11.25 -3.42
N ALA A 233 -2.19 10.10 -2.89
CA ALA A 233 -0.77 9.99 -2.58
C ALA A 233 -0.37 8.51 -2.57
N PRO A 234 -0.32 7.86 -3.74
CA PRO A 234 -0.04 6.41 -3.78
C PRO A 234 1.36 6.10 -3.27
N PHE A 235 1.49 4.95 -2.57
CA PHE A 235 2.80 4.57 -2.02
C PHE A 235 2.96 3.05 -2.15
N ASN A 236 4.20 2.57 -1.99
CA ASN A 236 4.50 1.16 -2.11
C ASN A 236 5.66 0.82 -1.19
N GLY A 237 5.66 -0.40 -0.68
CA GLY A 237 6.86 -1.05 -0.16
C GLY A 237 7.13 -2.22 -1.08
N TRP A 238 7.74 -3.29 -0.58
CA TRP A 238 7.75 -4.61 -1.21
C TRP A 238 6.84 -5.53 -0.43
N TYR A 239 6.38 -6.62 -1.07
CA TYR A 239 5.51 -7.56 -0.40
C TYR A 239 6.21 -8.28 0.76
N MET A 240 5.40 -8.66 1.77
CA MET A 240 5.78 -9.78 2.62
C MET A 240 5.06 -11.00 2.09
N GLY A 241 5.79 -12.11 2.05
CA GLY A 241 5.36 -13.24 1.23
C GLY A 241 3.97 -13.79 1.61
N THR A 242 3.64 -13.77 2.92
CA THR A 242 2.31 -14.26 3.37
C THR A 242 1.15 -13.47 2.77
N GLU A 243 1.38 -12.21 2.36
CA GLU A 243 0.26 -11.48 1.75
C GLU A 243 -0.22 -12.16 0.48
N ILE A 244 0.71 -12.76 -0.27
CA ILE A 244 0.40 -13.45 -1.52
C ILE A 244 0.03 -14.90 -1.25
N GLY A 245 0.83 -15.58 -0.44
CA GLY A 245 0.68 -17.02 -0.24
C GLY A 245 -0.39 -17.42 0.75
N ALA A 246 -0.70 -16.58 1.72
CA ALA A 246 -1.68 -16.97 2.70
C ALA A 246 -2.99 -16.23 2.52
N ARG A 247 -3.00 -15.20 1.68
CA ARG A 247 -4.25 -14.45 1.56
C ARG A 247 -4.70 -14.31 0.09
N ASN A 248 -3.91 -13.62 -0.75
CA ASN A 248 -4.34 -13.36 -2.12
C ASN A 248 -4.59 -14.64 -2.89
N LEU A 249 -3.68 -15.60 -2.78
CA LEU A 249 -3.89 -16.83 -3.52
C LEU A 249 -4.66 -17.90 -2.73
N ALA A 250 -4.78 -17.74 -1.41
CA ALA A 250 -5.35 -18.79 -0.56
C ALA A 250 -6.78 -18.55 -0.07
N ASP A 251 -7.19 -17.30 0.17
CA ASP A 251 -8.49 -17.09 0.81
C ASP A 251 -9.61 -17.64 -0.10
N GLU A 252 -10.68 -18.13 0.53
CA GLU A 252 -11.83 -18.66 -0.25
C GLU A 252 -12.51 -17.56 -1.06
N LYS A 253 -12.53 -16.31 -0.56
CA LYS A 253 -13.08 -15.17 -1.29
C LYS A 253 -12.05 -14.47 -2.22
N ARG A 254 -10.86 -15.04 -2.39
CA ARG A 254 -9.91 -14.50 -3.37
C ARG A 254 -9.67 -15.61 -4.39
N TYR A 255 -8.42 -16.01 -4.65
CA TYR A 255 -8.19 -17.03 -5.68
C TYR A 255 -8.42 -18.47 -5.21
N ASP A 256 -8.44 -18.72 -3.90
CA ASP A 256 -8.98 -19.99 -3.34
C ASP A 256 -8.26 -21.22 -3.91
N LYS A 257 -6.92 -21.23 -3.85
CA LYS A 257 -6.12 -22.27 -4.52
C LYS A 257 -5.69 -23.45 -3.63
N LEU A 258 -6.10 -23.52 -2.36
CA LEU A 258 -5.47 -24.53 -1.50
C LEU A 258 -5.78 -25.99 -1.92
N LYS A 259 -7.03 -26.27 -2.33
CA LYS A 259 -7.32 -27.64 -2.78
C LYS A 259 -6.44 -28.04 -3.97
N LYS A 260 -6.29 -27.14 -4.95
CA LYS A 260 -5.44 -27.45 -6.09
C LYS A 260 -3.97 -27.58 -5.68
N VAL A 261 -3.51 -26.77 -4.71
CA VAL A 261 -2.17 -26.96 -4.17
C VAL A 261 -2.01 -28.34 -3.54
N ALA A 262 -2.94 -28.72 -2.66
CA ALA A 262 -2.84 -30.07 -2.05
C ALA A 262 -2.67 -31.16 -3.11
N SER A 263 -3.46 -31.09 -4.19
CA SER A 263 -3.39 -32.16 -5.18
C SER A 263 -2.02 -32.18 -5.86
N VAL A 264 -1.48 -31.01 -6.26
CA VAL A 264 -0.16 -31.06 -6.91
C VAL A 264 0.97 -31.41 -5.96
N ILE A 265 0.84 -31.14 -4.66
CA ILE A 265 1.93 -31.62 -3.81
C ILE A 265 1.66 -33.05 -3.33
N GLY A 266 0.61 -33.68 -3.83
CA GLY A 266 0.39 -35.09 -3.58
C GLY A 266 -0.11 -35.47 -2.21
N ILE A 267 -0.95 -34.65 -1.57
CA ILE A 267 -1.57 -35.08 -0.31
C ILE A 267 -3.08 -35.02 -0.48
N ALA A 268 -3.76 -35.79 0.35
CA ALA A 268 -5.22 -35.84 0.31
C ALA A 268 -5.79 -34.60 0.98
N ALA A 269 -6.94 -34.11 0.47
CA ALA A 269 -7.66 -32.98 1.07
C ALA A 269 -9.02 -33.40 1.66
N ASP A 270 -9.02 -34.47 2.43
CA ASP A 270 -10.22 -35.17 2.91
C ASP A 270 -10.51 -34.95 4.40
N TYR A 271 -9.49 -34.87 5.28
CA TYR A 271 -9.68 -34.87 6.74
C TYR A 271 -9.05 -33.65 7.42
N ASN A 272 -9.82 -32.96 8.24
CA ASN A 272 -9.26 -31.82 8.97
C ASN A 272 -8.03 -32.26 9.78
N THR A 273 -8.04 -33.47 10.35
CA THR A 273 -6.96 -33.89 11.24
C THR A 273 -5.67 -34.19 10.49
N ASP A 274 -5.69 -34.24 9.15
CA ASP A 274 -4.45 -34.35 8.41
C ASP A 274 -3.73 -33.02 8.28
N LEU A 275 -4.39 -31.90 8.63
CA LEU A 275 -3.82 -30.56 8.51
C LEU A 275 -3.35 -30.30 7.08
N TRP A 276 -4.20 -30.70 6.12
CA TRP A 276 -3.82 -30.54 4.71
C TRP A 276 -3.85 -29.08 4.33
N LYS A 277 -4.73 -28.28 4.96
CA LYS A 277 -4.72 -26.85 4.57
C LYS A 277 -3.44 -26.18 5.08
N ASP A 278 -3.01 -26.58 6.28
CA ASP A 278 -1.78 -26.03 6.87
C ASP A 278 -0.57 -26.39 6.02
N GLN A 279 -0.45 -27.67 5.63
CA GLN A 279 0.67 -28.12 4.82
C GLN A 279 0.70 -27.40 3.46
N ALA A 280 -0.47 -27.34 2.78
CA ALA A 280 -0.55 -26.62 1.51
C ALA A 280 -0.15 -25.15 1.64
N LEU A 281 -0.65 -24.47 2.69
CA LEU A 281 -0.24 -23.08 2.98
C LEU A 281 1.28 -22.92 3.05
N VAL A 282 1.96 -23.82 3.76
CA VAL A 282 3.41 -23.70 3.92
C VAL A 282 4.07 -23.88 2.56
N GLU A 283 3.68 -24.92 1.80
CA GLU A 283 4.32 -25.12 0.49
C GLU A 283 4.04 -23.98 -0.48
N LEU A 284 2.81 -23.45 -0.49
CA LEU A 284 2.52 -22.29 -1.35
C LEU A 284 3.36 -21.10 -0.95
N ASN A 285 3.48 -20.85 0.35
CA ASN A 285 4.30 -19.72 0.83
C ASN A 285 5.80 -19.92 0.59
N LYS A 286 6.30 -21.18 0.65
CA LYS A 286 7.68 -21.44 0.26
C LYS A 286 7.86 -21.12 -1.22
N ALA A 287 6.90 -21.53 -2.04
CA ALA A 287 7.00 -21.33 -3.49
C ALA A 287 7.02 -19.88 -3.83
N VAL A 288 6.18 -19.08 -3.16
CA VAL A 288 6.13 -17.65 -3.44
C VAL A 288 7.51 -16.98 -3.14
N LEU A 289 8.11 -17.28 -2.00
CA LEU A 289 9.42 -16.65 -1.67
C LEU A 289 10.50 -17.10 -2.65
N HIS A 290 10.51 -18.39 -2.95
CA HIS A 290 11.46 -18.92 -3.94
C HIS A 290 11.34 -18.22 -5.30
N SER A 291 10.09 -18.01 -5.76
CA SER A 291 9.85 -17.48 -7.09
C SER A 291 10.29 -16.01 -7.18
N TYR A 292 9.95 -15.19 -6.18
CA TYR A 292 10.37 -13.79 -6.22
C TYR A 292 11.91 -13.68 -6.18
N LYS A 293 12.53 -14.48 -5.31
CA LYS A 293 13.98 -14.45 -5.17
C LYS A 293 14.67 -14.92 -6.44
N LYS A 294 14.14 -15.98 -7.07
CA LYS A 294 14.79 -16.45 -8.30
C LYS A 294 14.65 -15.42 -9.42
N GLN A 295 13.55 -14.66 -9.46
CA GLN A 295 13.47 -13.65 -10.49
C GLN A 295 14.23 -12.36 -10.16
N GLY A 296 14.78 -12.22 -8.96
CA GLY A 296 15.36 -10.94 -8.58
C GLY A 296 14.37 -9.84 -8.25
N VAL A 297 13.24 -10.17 -7.62
CA VAL A 297 12.26 -9.17 -7.21
C VAL A 297 12.19 -9.17 -5.68
N SER A 298 12.31 -7.96 -5.08
CA SER A 298 12.43 -7.86 -3.63
C SER A 298 11.18 -8.48 -3.00
N ILE A 299 11.39 -9.16 -1.87
CA ILE A 299 10.29 -9.73 -1.06
C ILE A 299 10.94 -10.01 0.29
N VAL A 300 10.11 -10.14 1.35
CA VAL A 300 10.59 -10.48 2.69
C VAL A 300 9.69 -11.59 3.26
N ASP A 301 10.28 -12.52 4.02
CA ASP A 301 9.49 -13.55 4.69
C ASP A 301 9.05 -13.01 6.05
N HIS A 302 8.04 -13.65 6.66
CA HIS A 302 7.46 -13.05 7.84
C HIS A 302 8.38 -13.16 9.06
N HIS A 303 9.31 -14.11 9.07
CA HIS A 303 10.26 -14.19 10.21
C HIS A 303 11.24 -13.03 10.16
N THR A 304 11.86 -12.77 8.98
CA THR A 304 12.82 -11.67 8.85
C THR A 304 12.12 -10.35 9.11
N ALA A 305 10.89 -10.19 8.57
CA ALA A 305 10.08 -8.98 8.79
C ALA A 305 9.85 -8.71 10.28
N ALA A 306 9.52 -9.76 11.06
CA ALA A 306 9.31 -9.55 12.50
C ALA A 306 10.61 -9.26 13.21
N SER A 307 11.74 -9.81 12.73
CA SER A 307 13.06 -9.44 13.29
C SER A 307 13.35 -7.97 13.05
N GLN A 308 13.04 -7.46 11.85
CA GLN A 308 13.17 -6.04 11.55
C GLN A 308 12.26 -5.23 12.44
N PHE A 309 11.03 -5.69 12.67
CA PHE A 309 10.13 -4.89 13.49
C PHE A 309 10.61 -4.80 14.94
N LYS A 310 11.19 -5.88 15.47
CA LYS A 310 11.79 -5.83 16.81
C LYS A 310 12.83 -4.70 16.89
N ARG A 311 13.62 -4.51 15.83
CA ARG A 311 14.62 -3.42 15.82
C ARG A 311 13.93 -2.05 15.77
N PHE A 312 12.83 -1.94 15.01
CA PHE A 312 12.02 -0.72 15.04
C PHE A 312 11.59 -0.39 16.45
N GLU A 313 11.07 -1.39 17.20
CA GLU A 313 10.61 -1.16 18.56
C GLU A 313 11.80 -0.65 19.42
N GLU A 314 12.97 -1.25 19.25
CA GLU A 314 14.16 -0.84 20.01
C GLU A 314 14.58 0.58 19.66
N GLN A 315 14.60 0.93 18.36
CA GLN A 315 14.86 2.32 17.99
C GLN A 315 13.87 3.28 18.61
N ALA A 316 12.57 2.97 18.58
CA ALA A 316 11.61 3.91 19.15
C ALA A 316 11.98 4.25 20.59
N GLU A 317 12.27 3.22 21.39
CA GLU A 317 12.62 3.46 22.79
C GLU A 317 13.90 4.30 22.89
N GLU A 318 14.94 3.91 22.17
CA GLU A 318 16.21 4.63 22.19
C GLU A 318 16.06 6.09 21.78
N ALA A 319 15.06 6.43 20.97
CA ALA A 319 14.81 7.80 20.57
C ALA A 319 13.84 8.51 21.53
N GLY A 320 13.32 7.83 22.54
CA GLY A 320 12.28 8.41 23.39
C GLY A 320 10.90 8.56 22.78
N ARG A 321 10.60 7.92 21.65
CA ARG A 321 9.25 7.96 21.09
C ARG A 321 8.40 6.81 21.61
N LYS A 322 7.14 7.09 21.98
CA LYS A 322 6.19 6.03 22.25
C LYS A 322 5.99 5.16 21.00
N LEU A 323 5.84 3.85 21.19
CA LEU A 323 5.49 2.93 20.10
C LEU A 323 3.98 2.71 20.06
N THR A 324 3.38 2.77 18.86
CA THR A 324 2.01 2.33 18.74
C THR A 324 1.88 1.21 17.71
N GLY A 325 0.86 0.39 17.84
CA GLY A 325 0.77 -0.79 16.99
C GLY A 325 -0.57 -1.47 17.14
N ASP A 326 -0.96 -2.19 16.09
CA ASP A 326 -2.20 -2.97 16.04
C ASP A 326 -1.81 -4.45 16.02
N TRP A 327 -1.82 -5.08 17.22
CA TRP A 327 -1.46 -6.49 17.34
C TRP A 327 -2.17 -7.38 16.32
N THR A 328 -3.46 -7.14 16.05
CA THR A 328 -4.25 -8.05 15.22
C THR A 328 -3.83 -7.98 13.75
N TRP A 329 -3.17 -6.90 13.33
CA TRP A 329 -2.61 -6.80 11.98
C TRP A 329 -1.11 -7.07 11.92
N LEU A 330 -0.38 -6.83 13.02
CA LEU A 330 1.06 -7.08 13.01
C LEU A 330 1.34 -8.58 13.00
N ILE A 331 0.54 -9.38 13.73
CA ILE A 331 0.91 -10.81 13.68
C ILE A 331 0.74 -11.32 12.25
N PRO A 332 1.62 -12.19 11.75
CA PRO A 332 1.42 -12.78 10.39
C PRO A 332 0.39 -13.87 10.39
N PRO A 333 -0.24 -14.16 9.24
CA PRO A 333 -1.28 -15.22 9.19
C PRO A 333 -0.73 -16.65 9.12
N ILE A 334 0.59 -16.83 9.14
CA ILE A 334 1.28 -18.14 9.11
C ILE A 334 2.20 -18.17 10.35
N SER A 335 2.07 -19.18 11.22
CA SER A 335 2.93 -19.37 12.40
C SER A 335 3.09 -18.10 13.23
N PRO A 336 2.02 -17.39 13.55
CA PRO A 336 2.21 -16.15 14.33
C PRO A 336 2.93 -16.35 15.65
N ALA A 337 2.68 -17.44 16.37
CA ALA A 337 3.34 -17.59 17.67
C ALA A 337 4.83 -17.92 17.54
N ALA A 338 5.36 -18.12 16.33
CA ALA A 338 6.79 -18.18 16.18
C ALA A 338 7.45 -16.79 16.04
N THR A 339 6.71 -15.68 16.16
CA THR A 339 7.30 -14.36 16.17
C THR A 339 7.16 -13.74 17.55
N HIS A 340 8.08 -12.79 17.88
CA HIS A 340 7.99 -12.11 19.17
C HIS A 340 6.72 -11.28 19.28
N ILE A 341 6.17 -10.82 18.15
CA ILE A 341 4.99 -9.94 18.18
C ILE A 341 3.85 -10.59 18.96
N PHE A 342 3.59 -11.84 18.64
CA PHE A 342 2.47 -12.59 19.24
C PHE A 342 2.55 -12.57 20.76
N HIS A 343 3.77 -12.51 21.29
CA HIS A 343 3.95 -12.67 22.73
C HIS A 343 4.03 -11.36 23.50
N ARG A 344 3.71 -10.22 22.88
CA ARG A 344 3.60 -8.99 23.64
C ARG A 344 2.33 -8.25 23.24
N SER A 345 2.10 -7.10 23.85
CA SER A 345 0.95 -6.26 23.53
C SER A 345 1.45 -4.90 22.98
N TYR A 346 0.52 -4.13 22.38
CA TYR A 346 0.83 -2.86 21.70
C TYR A 346 -0.31 -1.88 21.96
N ASP A 347 0.05 -0.63 22.22
CA ASP A 347 -0.91 0.47 22.31
C ASP A 347 -1.39 0.88 20.90
N ASN A 348 -2.71 0.80 20.66
CA ASN A 348 -3.30 1.08 19.35
C ASN A 348 -3.74 2.54 19.18
N SER A 349 -3.15 3.48 19.91
CA SER A 349 -3.54 4.89 19.75
C SER A 349 -3.16 5.44 18.36
N ILE A 350 -3.99 6.33 17.83
CA ILE A 350 -3.73 7.00 16.55
C ILE A 350 -2.89 8.26 16.76
N VAL A 351 -1.66 8.28 16.19
CA VAL A 351 -0.80 9.47 16.20
C VAL A 351 -0.71 10.02 14.77
N LYS A 352 -0.73 11.37 14.63
CA LYS A 352 -0.60 12.03 13.31
C LYS A 352 0.76 12.65 13.17
N PRO A 353 1.28 12.81 11.92
CA PRO A 353 0.81 12.41 10.55
C PRO A 353 0.47 10.92 10.40
N ASN A 354 -0.45 10.57 9.50
CA ASN A 354 -0.80 9.15 9.37
C ASN A 354 -1.48 8.97 8.02
N TYR A 355 -1.67 7.69 7.63
CA TYR A 355 -2.44 7.31 6.44
C TYR A 355 -3.81 6.83 6.91
N PHE A 356 -4.84 7.24 6.18
CA PHE A 356 -6.22 6.95 6.61
C PHE A 356 -7.07 6.41 5.48
N TYR A 357 -8.08 5.65 5.85
CA TYR A 357 -9.11 5.22 4.90
C TYR A 357 -9.98 6.39 4.46
N GLN A 358 -10.55 6.28 3.26
CA GLN A 358 -11.54 7.23 2.78
C GLN A 358 -12.57 6.49 1.94
N ASP A 359 -13.75 7.11 1.78
CA ASP A 359 -14.84 6.48 1.03
C ASP A 359 -14.47 6.33 -0.45
N LYS A 360 -14.84 5.18 -1.02
CA LYS A 360 -14.61 4.90 -2.42
C LYS A 360 -15.65 5.64 -3.27
N PRO A 361 -15.28 6.12 -4.46
CA PRO A 361 -16.25 6.83 -5.31
C PRO A 361 -17.14 5.95 -6.16
N TYR A 362 -16.84 4.68 -6.32
CA TYR A 362 -17.71 3.74 -6.99
C TYR A 362 -18.41 2.87 -5.94
N GLU A 363 -19.38 2.09 -6.39
CA GLU A 363 -20.15 1.30 -5.43
C GLU A 363 -20.20 -0.16 -5.85
CHA HEM B . 0.14 -2.50 6.35
CHB HEM B . 4.35 -4.72 5.26
CHC HEM B . 6.01 -0.42 3.47
CHD HEM B . 2.08 1.83 5.23
C1A HEM B . 1.09 -3.46 6.02
C2A HEM B . 0.83 -4.88 6.04
C3A HEM B . 1.98 -5.49 5.76
C4A HEM B . 3.01 -4.49 5.55
CMA HEM B . 2.19 -6.99 5.70
CAA HEM B . -0.43 -5.64 6.38
CBA HEM B . -1.32 -5.68 5.19
CGA HEM B . -2.13 -6.98 5.20
O1A HEM B . -2.38 -7.46 4.06
O2A HEM B . -2.51 -7.55 6.29
C1B HEM B . 5.19 -3.72 4.65
C2B HEM B . 6.43 -3.96 4.05
C3B HEM B . 6.94 -2.79 3.52
C4B HEM B . 5.94 -1.77 3.90
CMB HEM B . 7.09 -5.31 3.93
CAB HEM B . 8.24 -2.65 2.75
CBB HEM B . 8.99 -1.50 2.65
C1C HEM B . 5.02 0.54 3.70
C2C HEM B . 5.08 1.88 3.28
C3C HEM B . 3.99 2.58 3.79
C4C HEM B . 3.22 1.59 4.52
CMC HEM B . 6.20 2.40 2.37
CAC HEM B . 3.67 4.04 3.54
CBC HEM B . 4.66 4.96 3.27
C1D HEM B . 1.27 0.76 5.68
C2D HEM B . -0.10 1.05 6.11
C3D HEM B . -0.66 -0.13 6.39
C4D HEM B . 0.40 -1.15 6.14
CMD HEM B . -0.81 2.39 6.18
CAD HEM B . -2.10 -0.35 6.91
CBD HEM B . -3.14 -0.41 5.77
CGD HEM B . -4.59 -0.60 6.23
O1D HEM B . -5.37 -1.12 5.43
O2D HEM B . -5.05 -0.22 7.33
NA HEM B . 2.44 -3.23 5.74
NB HEM B . 4.92 -2.41 4.53
NC HEM B . 3.90 0.38 4.48
ND HEM B . 1.56 -0.58 5.70
FE HEM B . 3.29 -1.42 5.40
O POL C . -11.42 7.14 -20.57
C1 POL C . -10.53 7.82 -21.53
C2 POL C . -10.24 7.05 -22.84
C3 POL C . -11.14 7.37 -24.05
C1 GOL D . 14.14 -7.06 -0.17
O1 GOL D . 14.28 -8.22 -1.04
C2 GOL D . 14.81 -7.36 1.14
O2 GOL D . 16.06 -6.56 1.11
C3 GOL D . 13.74 -7.15 2.24
O3 GOL D . 14.24 -7.41 3.62
C1 GOL E . -5.80 2.83 8.33
O1 GOL E . -4.56 2.10 8.56
C2 GOL E . -6.59 3.18 9.59
O2 GOL E . -5.88 4.24 10.29
C3 GOL E . -8.04 3.56 9.19
O3 GOL E . -8.24 4.93 8.73
C1 GOL F . -9.41 -18.52 -9.27
O1 GOL F . -8.87 -18.82 -10.55
C2 GOL F . -10.68 -17.77 -9.52
O2 GOL F . -11.17 -17.93 -10.91
C3 GOL F . -11.69 -18.38 -8.58
O3 GOL F . -12.36 -17.29 -7.91
C02 V4V G . 2.88 -4.00 1.89
C03 V4V G . 3.32 -2.67 1.94
C04 V4V G . 2.40 -1.64 2.20
C05 V4V G . 1.03 -1.98 2.40
C06 V4V G . 0.06 -0.96 2.68
C07 V4V G . -1.27 -1.29 2.88
C08 V4V G . -1.70 -2.61 2.77
C09 V4V G . -3.19 -2.90 2.97
C11 V4V G . -4.74 -4.80 3.51
C12 V4V G . -5.94 -4.07 3.24
C13 V4V G . -7.20 -4.70 3.43
C14 V4V G . -7.27 -6.03 3.90
C15 V4V G . -6.10 -6.77 4.16
C16 V4V G . -6.10 -8.21 4.69
C18 V4V G . -5.81 -7.98 7.05
C19 V4V G . -6.42 -8.47 8.40
C20 V4V G . -7.70 -8.93 8.45
C21 V4V G . -8.36 -9.37 9.60
C22 V4V G . -7.62 -9.34 10.77
C23 V4V G . -6.32 -8.89 10.73
C25 V4V G . -4.87 -6.12 3.96
C26 V4V G . -0.76 -3.62 2.51
C27 V4V G . 0.63 -3.29 2.35
N01 V4V G . 3.77 -5.12 1.67
N17 V4V G . -6.75 -8.28 6.01
N24 V4V G . -5.71 -8.46 9.56
N28 V4V G . 1.57 -4.29 2.11
O10 V4V G . -3.39 -4.27 3.35
CL CL H . -2.03 -7.26 -2.07
C1 PEG I . -11.13 -7.85 15.46
O1 PEG I . -10.16 -7.72 16.51
C2 PEG I . -10.48 -8.70 14.39
O2 PEG I . -10.30 -7.86 13.26
C3 PEG I . -8.94 -7.48 13.39
C4 PEG I . -8.78 -6.17 14.18
O4 PEG I . -9.68 -5.13 13.74
#